data_3UEM
#
_entry.id   3UEM
#
_cell.length_a   63.585
_cell.length_b   76.076
_cell.length_c   79.656
_cell.angle_alpha   90.00
_cell.angle_beta   90.00
_cell.angle_gamma   90.00
#
_symmetry.space_group_name_H-M   'P 21 21 21'
#
loop_
_entity.id
_entity.type
_entity.pdbx_description
1 polymer 'Protein disulfide-isomerase'
2 non-polymer (4S,5S)-1,2-DITHIANE-4,5-DIOL
3 water water
#
_entity_poly.entity_id   1
_entity_poly.type   'polypeptide(L)'
_entity_poly.pdbx_seq_one_letter_code
;HHHSSGLEVLFQGPGSEFATTLPDGAAAESLVESSEVAVIGFFKDVESDSAKQFLQAAEAIDDIPFGITSNSDVFSKYQL
DKDGVVLFKKFDEGRNNFEGEVTKENLLDFIKHNQLPLVIEFTEQTAPKIFGGEIKTHILLFLPKSVSDYDGKLSNFKTA
AESFKGKILFIFIDSDHTDNQRILEFFGLKKEECPAVRLITLEEEMTKYKPESEELTAERITEFCHRFLEGKIKPHLMSQ
ELPEDWDKQPVKVLVGKNFEDVAFDEKKNVFVEFYAPWCGHCKQLAPIWDKLGETYKDHENIVIAKMDSTANEVEAVKVH
SFPTLKFFPASADRTVIDYNGERTLDGFKKFLESGGQDGAG
;
_entity_poly.pdbx_strand_id   A
#
loop_
_chem_comp.id
_chem_comp.type
_chem_comp.name
_chem_comp.formula
D1D non-polymer (4S,5S)-1,2-DITHIANE-4,5-DIOL 'C4 H8 O2 S2'
#
# COMPACT_ATOMS: atom_id res chain seq x y z
N HIS A 1 -8.80 -28.83 -23.70
CA HIS A 1 -9.03 -30.15 -23.04
C HIS A 1 -9.34 -30.01 -21.55
N HIS A 2 -8.50 -29.28 -20.83
CA HIS A 2 -8.65 -29.11 -19.39
C HIS A 2 -9.84 -28.21 -19.05
N HIS A 3 -10.58 -27.84 -20.08
CA HIS A 3 -11.71 -26.91 -19.96
C HIS A 3 -12.96 -27.45 -20.61
N SER A 4 -13.03 -28.78 -20.69
CA SER A 4 -14.18 -29.48 -21.20
C SER A 4 -14.25 -30.85 -20.55
N SER A 5 -15.45 -31.43 -20.50
CA SER A 5 -15.62 -32.76 -19.94
C SER A 5 -15.95 -33.73 -21.05
N GLY A 6 -15.54 -34.98 -20.85
CA GLY A 6 -16.00 -36.08 -21.68
C GLY A 6 -17.25 -36.64 -21.05
N LEU A 7 -17.50 -37.92 -21.30
CA LEU A 7 -18.73 -38.57 -20.86
C LEU A 7 -18.69 -38.95 -19.38
N GLU A 8 -17.55 -38.69 -18.72
CA GLU A 8 -17.39 -38.89 -17.27
C GLU A 8 -18.43 -38.07 -16.52
N VAL A 9 -18.91 -37.01 -17.17
CA VAL A 9 -19.89 -36.12 -16.61
C VAL A 9 -21.23 -36.84 -16.35
N LEU A 10 -21.40 -38.02 -16.94
CA LEU A 10 -22.62 -38.81 -16.77
C LEU A 10 -22.76 -39.53 -15.42
N PHE A 11 -21.65 -39.77 -14.73
CA PHE A 11 -21.67 -40.57 -13.50
C PHE A 11 -20.91 -39.96 -12.32
N GLN A 12 -20.55 -38.69 -12.45
CA GLN A 12 -19.90 -37.98 -11.37
C GLN A 12 -20.81 -36.91 -10.78
N GLY A 13 -20.45 -36.44 -9.59
CA GLY A 13 -21.16 -35.34 -8.95
C GLY A 13 -21.21 -34.12 -9.85
N PRO A 14 -22.23 -33.25 -9.65
CA PRO A 14 -22.35 -32.03 -10.45
C PRO A 14 -21.21 -31.07 -10.17
N GLY A 15 -20.74 -30.41 -11.21
CA GLY A 15 -19.64 -29.47 -11.07
C GLY A 15 -20.11 -28.10 -10.60
N SER A 16 -19.17 -27.18 -10.54
CA SER A 16 -19.43 -25.85 -10.05
C SER A 16 -19.00 -24.84 -11.09
N GLU A 17 -19.75 -23.73 -11.15
CA GLU A 17 -19.36 -22.57 -11.95
C GLU A 17 -18.02 -22.00 -11.49
N PHE A 18 -17.69 -22.20 -10.21
CA PHE A 18 -16.67 -21.39 -9.53
C PHE A 18 -15.31 -22.06 -9.29
N ALA A 19 -15.26 -23.38 -9.49
CA ALA A 19 -14.01 -24.14 -9.44
C ALA A 19 -13.93 -25.12 -10.59
N THR A 20 -12.75 -25.23 -11.19
CA THR A 20 -12.52 -26.16 -12.27
C THR A 20 -12.41 -27.58 -11.73
N THR A 21 -13.22 -28.49 -12.29
CA THR A 21 -13.19 -29.90 -11.95
C THR A 21 -11.90 -30.50 -12.51
N LEU A 22 -11.16 -31.21 -11.65
CA LEU A 22 -9.88 -31.77 -12.02
C LEU A 22 -9.94 -33.32 -12.02
N PRO A 23 -10.04 -33.93 -13.21
CA PRO A 23 -10.18 -35.39 -13.30
C PRO A 23 -8.93 -36.19 -12.92
N ASP A 24 -7.75 -35.61 -13.14
CA ASP A 24 -6.49 -36.35 -12.94
C ASP A 24 -5.28 -35.47 -12.62
N GLY A 25 -4.12 -36.10 -12.49
CA GLY A 25 -2.88 -35.42 -12.12
C GLY A 25 -2.46 -34.36 -13.12
N ALA A 26 -2.66 -34.65 -14.41
CA ALA A 26 -2.34 -33.71 -15.48
C ALA A 26 -3.18 -32.44 -15.40
N ALA A 27 -4.47 -32.59 -15.12
CA ALA A 27 -5.37 -31.45 -15.01
C ALA A 27 -4.95 -30.53 -13.86
N ALA A 28 -4.54 -31.13 -12.75
CA ALA A 28 -4.12 -30.40 -11.56
C ALA A 28 -2.82 -29.62 -11.79
N GLU A 29 -1.83 -30.27 -12.37
CA GLU A 29 -0.56 -29.63 -12.72
C GLU A 29 -0.79 -28.42 -13.63
N SER A 30 -1.74 -28.56 -14.55
CA SER A 30 -2.03 -27.50 -15.50
C SER A 30 -2.67 -26.30 -14.81
N LEU A 31 -3.53 -26.57 -13.83
CA LEU A 31 -4.18 -25.51 -13.07
C LEU A 31 -3.17 -24.72 -12.24
N VAL A 32 -2.28 -25.43 -11.54
CA VAL A 32 -1.27 -24.75 -10.73
C VAL A 32 -0.32 -23.91 -11.59
N GLU A 33 0.04 -24.44 -12.77
CA GLU A 33 1.01 -23.79 -13.65
C GLU A 33 0.41 -22.60 -14.42
N SER A 34 -0.92 -22.50 -14.40
CA SER A 34 -1.63 -21.46 -15.15
C SER A 34 -1.61 -20.10 -14.45
N SER A 35 -1.25 -20.09 -13.18
CA SER A 35 -1.27 -18.87 -12.39
C SER A 35 -0.20 -18.82 -11.30
N GLU A 36 0.08 -17.61 -10.82
CA GLU A 36 1.08 -17.38 -9.77
C GLU A 36 0.63 -18.00 -8.45
N VAL A 37 -0.67 -17.93 -8.20
CA VAL A 37 -1.29 -18.57 -7.05
C VAL A 37 -2.49 -19.38 -7.57
N ALA A 38 -2.62 -20.61 -7.07
CA ALA A 38 -3.77 -21.46 -7.37
C ALA A 38 -4.17 -22.22 -6.13
N VAL A 39 -5.46 -22.52 -5.99
CA VAL A 39 -5.93 -23.34 -4.87
C VAL A 39 -6.79 -24.53 -5.34
N ILE A 40 -6.53 -25.68 -4.73
CA ILE A 40 -7.27 -26.89 -5.04
C ILE A 40 -7.95 -27.45 -3.80
N GLY A 41 -9.25 -27.69 -3.92
CA GLY A 41 -10.01 -28.39 -2.90
C GLY A 41 -10.07 -29.87 -3.24
N PHE A 42 -9.65 -30.71 -2.29
CA PHE A 42 -9.67 -32.14 -2.47
C PHE A 42 -10.87 -32.66 -1.70
N PHE A 43 -11.93 -33.03 -2.41
CA PHE A 43 -13.17 -33.46 -1.79
C PHE A 43 -13.78 -34.66 -2.50
N LYS A 44 -13.80 -35.80 -1.82
CA LYS A 44 -14.33 -37.04 -2.38
C LYS A 44 -15.79 -36.87 -2.79
N ASP A 45 -16.55 -36.18 -1.94
CA ASP A 45 -17.92 -35.81 -2.21
C ASP A 45 -18.00 -34.31 -2.41
N VAL A 46 -18.13 -33.92 -3.66
CA VAL A 46 -18.28 -32.54 -4.09
C VAL A 46 -19.55 -31.88 -3.53
N GLU A 47 -20.51 -32.71 -3.12
CA GLU A 47 -21.78 -32.22 -2.60
C GLU A 47 -21.85 -32.13 -1.06
N SER A 48 -20.76 -32.47 -0.39
CA SER A 48 -20.71 -32.40 1.08
C SER A 48 -20.69 -30.95 1.57
N ASP A 49 -20.95 -30.76 2.86
CA ASP A 49 -20.96 -29.44 3.48
C ASP A 49 -19.61 -28.72 3.36
N SER A 50 -18.53 -29.47 3.57
CA SER A 50 -17.18 -28.94 3.52
C SER A 50 -16.78 -28.48 2.11
N ALA A 51 -17.16 -29.27 1.11
CA ALA A 51 -16.84 -28.97 -0.30
C ALA A 51 -17.61 -27.74 -0.75
N LYS A 52 -18.85 -27.62 -0.29
CA LYS A 52 -19.70 -26.46 -0.61
C LYS A 52 -19.19 -25.17 0.02
N GLN A 53 -18.63 -25.27 1.22
CA GLN A 53 -18.00 -24.12 1.87
C GLN A 53 -16.80 -23.66 1.04
N PHE A 54 -16.06 -24.63 0.51
CA PHE A 54 -14.94 -24.36 -0.37
C PHE A 54 -15.37 -23.68 -1.67
N LEU A 55 -16.45 -24.18 -2.27
CA LEU A 55 -17.00 -23.58 -3.49
C LEU A 55 -17.53 -22.15 -3.27
N GLN A 56 -17.99 -21.86 -2.04
CA GLN A 56 -18.39 -20.51 -1.66
C GLN A 56 -17.18 -19.57 -1.57
N ALA A 57 -16.07 -20.09 -1.05
CA ALA A 57 -14.81 -19.36 -1.04
C ALA A 57 -14.41 -19.00 -2.48
N ALA A 58 -14.50 -19.98 -3.37
CA ALA A 58 -14.12 -19.83 -4.78
C ALA A 58 -14.96 -18.79 -5.53
N GLU A 59 -16.25 -18.75 -5.19
CA GLU A 59 -17.18 -17.80 -5.78
C GLU A 59 -16.80 -16.36 -5.41
N ALA A 60 -16.36 -16.15 -4.17
CA ALA A 60 -16.09 -14.81 -3.65
C ALA A 60 -14.76 -14.19 -4.10
N ILE A 61 -13.82 -15.04 -4.54
CA ILE A 61 -12.51 -14.55 -4.98
C ILE A 61 -12.41 -14.59 -6.50
N ASP A 62 -12.06 -13.46 -7.10
CA ASP A 62 -12.02 -13.32 -8.56
C ASP A 62 -10.65 -13.51 -9.24
N ASP A 63 -9.57 -13.20 -8.53
CA ASP A 63 -8.24 -13.16 -9.15
C ASP A 63 -7.34 -14.39 -8.92
N ILE A 64 -7.92 -15.46 -8.38
CA ILE A 64 -7.20 -16.72 -8.16
C ILE A 64 -8.04 -17.88 -8.71
N PRO A 65 -7.44 -18.73 -9.57
CA PRO A 65 -8.19 -19.87 -10.10
C PRO A 65 -8.32 -21.00 -9.07
N PHE A 66 -9.54 -21.50 -8.91
CA PHE A 66 -9.81 -22.61 -8.00
C PHE A 66 -10.03 -23.88 -8.79
N GLY A 67 -9.50 -24.98 -8.27
CA GLY A 67 -9.72 -26.30 -8.83
C GLY A 67 -10.35 -27.21 -7.79
N ILE A 68 -11.05 -28.23 -8.24
CA ILE A 68 -11.64 -29.19 -7.31
C ILE A 68 -11.49 -30.61 -7.85
N THR A 69 -11.17 -31.54 -6.96
CA THR A 69 -10.94 -32.89 -7.39
C THR A 69 -11.49 -33.91 -6.39
N SER A 70 -11.99 -35.01 -6.92
CA SER A 70 -12.52 -36.13 -6.12
C SER A 70 -11.75 -37.42 -6.40
N ASN A 71 -10.70 -37.32 -7.21
CA ASN A 71 -9.91 -38.47 -7.64
C ASN A 71 -8.80 -38.77 -6.62
N SER A 72 -8.75 -40.02 -6.14
CA SER A 72 -7.80 -40.43 -5.10
C SER A 72 -6.35 -40.34 -5.54
N ASP A 73 -6.09 -40.65 -6.80
CA ASP A 73 -4.76 -40.49 -7.37
C ASP A 73 -4.25 -39.06 -7.24
N VAL A 74 -5.15 -38.07 -7.38
CA VAL A 74 -4.79 -36.65 -7.23
C VAL A 74 -4.52 -36.30 -5.75
N PHE A 75 -5.39 -36.78 -4.86
CA PHE A 75 -5.15 -36.70 -3.42
C PHE A 75 -3.73 -37.19 -3.13
N SER A 76 -3.44 -38.42 -3.57
CA SER A 76 -2.14 -39.05 -3.41
C SER A 76 -0.99 -38.22 -3.97
N LYS A 77 -1.17 -37.72 -5.20
CA LYS A 77 -0.16 -36.92 -5.87
C LYS A 77 0.33 -35.76 -5.00
N TYR A 78 -0.57 -35.19 -4.20
CA TYR A 78 -0.23 -34.06 -3.36
C TYR A 78 -0.15 -34.42 -1.88
N GLN A 79 0.15 -35.69 -1.62
CA GLN A 79 0.32 -36.22 -0.26
C GLN A 79 -0.88 -35.94 0.64
N LEU A 80 -2.07 -36.19 0.11
CA LEU A 80 -3.28 -36.06 0.91
C LEU A 80 -3.87 -37.43 1.20
N ASP A 81 -4.07 -37.68 2.50
CA ASP A 81 -4.62 -38.93 3.02
C ASP A 81 -6.15 -38.85 3.03
N LYS A 82 -6.66 -37.61 2.98
CA LYS A 82 -8.07 -37.32 3.14
C LYS A 82 -8.42 -35.97 2.52
N ASP A 83 -9.69 -35.58 2.62
CA ASP A 83 -10.17 -34.28 2.15
C ASP A 83 -9.34 -33.14 2.74
N GLY A 84 -9.11 -32.12 1.93
CA GLY A 84 -8.31 -30.96 2.33
C GLY A 84 -8.27 -29.88 1.26
N VAL A 85 -7.69 -28.74 1.62
CA VAL A 85 -7.54 -27.61 0.70
C VAL A 85 -6.07 -27.23 0.70
N VAL A 86 -5.52 -27.03 -0.50
CA VAL A 86 -4.12 -26.65 -0.66
C VAL A 86 -4.00 -25.41 -1.54
N LEU A 87 -3.27 -24.41 -1.06
CA LEU A 87 -2.89 -23.26 -1.87
C LEU A 87 -1.51 -23.52 -2.46
N PHE A 88 -1.35 -23.28 -3.76
CA PHE A 88 -0.06 -23.39 -4.45
C PHE A 88 0.40 -22.02 -4.90
N LYS A 89 1.71 -21.84 -4.98
CA LYS A 89 2.30 -20.55 -5.41
C LYS A 89 3.68 -20.73 -6.05
N LYS A 90 4.00 -19.85 -7.00
CA LYS A 90 5.27 -19.94 -7.74
C LYS A 90 6.41 -19.20 -7.04
N PHE A 91 6.40 -19.22 -5.71
CA PHE A 91 7.41 -18.52 -4.90
C PHE A 91 7.46 -19.09 -3.48
N ASP A 92 8.55 -18.79 -2.78
CA ASP A 92 8.74 -19.19 -1.37
C ASP A 92 8.55 -20.69 -1.14
N GLU A 93 7.66 -21.07 -0.22
CA GLU A 93 7.44 -22.50 0.11
C GLU A 93 6.78 -23.27 -1.03
N GLY A 94 6.12 -22.54 -1.94
CA GLY A 94 5.50 -23.14 -3.12
C GLY A 94 4.12 -23.72 -2.90
N ARG A 95 3.75 -23.89 -1.62
CA ARG A 95 2.55 -24.60 -1.25
C ARG A 95 2.23 -24.43 0.25
N ASN A 96 0.95 -24.22 0.55
CA ASN A 96 0.47 -24.11 1.92
C ASN A 96 -0.78 -24.96 2.11
N ASN A 97 -0.79 -25.77 3.17
CA ASN A 97 -1.95 -26.58 3.52
C ASN A 97 -2.86 -25.91 4.53
N PHE A 98 -4.16 -25.89 4.21
CA PHE A 98 -5.17 -25.34 5.12
C PHE A 98 -5.39 -26.28 6.29
N GLU A 99 -5.60 -25.71 7.46
CA GLU A 99 -5.93 -26.49 8.64
C GLU A 99 -7.03 -25.78 9.44
N GLY A 100 -7.91 -26.59 10.02
CA GLY A 100 -9.06 -26.07 10.77
C GLY A 100 -10.38 -26.40 10.11
N GLU A 101 -11.44 -25.75 10.60
CA GLU A 101 -12.79 -26.00 10.12
C GLU A 101 -12.96 -25.32 8.77
N VAL A 102 -13.30 -26.14 7.77
CA VAL A 102 -13.48 -25.66 6.40
C VAL A 102 -14.76 -24.86 6.31
N THR A 103 -14.62 -23.53 6.38
CA THR A 103 -15.75 -22.61 6.19
C THR A 103 -15.32 -21.53 5.19
N LYS A 104 -16.29 -20.90 4.55
CA LYS A 104 -16.01 -19.84 3.58
C LYS A 104 -15.05 -18.80 4.14
N GLU A 105 -15.31 -18.37 5.38
CA GLU A 105 -14.55 -17.33 6.05
CA GLU A 105 -14.53 -17.33 6.00
C GLU A 105 -13.16 -17.78 6.51
N ASN A 106 -13.07 -19.01 7.00
CA ASN A 106 -11.78 -19.58 7.40
C ASN A 106 -10.88 -19.77 6.17
N LEU A 107 -11.49 -20.16 5.06
CA LEU A 107 -10.78 -20.35 3.80
C LEU A 107 -10.30 -19.02 3.22
N LEU A 108 -11.14 -18.00 3.27
CA LEU A 108 -10.80 -16.66 2.79
C LEU A 108 -9.64 -16.06 3.57
N ASP A 109 -9.61 -16.34 4.87
CA ASP A 109 -8.51 -15.93 5.73
C ASP A 109 -7.23 -16.66 5.33
N PHE A 110 -7.35 -17.97 5.12
CA PHE A 110 -6.21 -18.81 4.74
C PHE A 110 -5.56 -18.32 3.46
N ILE A 111 -6.39 -18.02 2.46
CA ILE A 111 -5.91 -17.53 1.17
C ILE A 111 -5.18 -16.20 1.32
N LYS A 112 -5.86 -15.23 1.92
CA LYS A 112 -5.31 -13.89 2.17
C LYS A 112 -3.95 -13.90 2.85
N HIS A 113 -3.74 -14.84 3.77
CA HIS A 113 -2.51 -14.88 4.56
C HIS A 113 -1.30 -15.52 3.86
N ASN A 114 -1.55 -16.34 2.85
CA ASN A 114 -0.47 -17.07 2.18
C ASN A 114 -0.29 -16.75 0.70
N GLN A 115 -1.14 -15.84 0.22
CA GLN A 115 -1.26 -15.46 -1.18
C GLN A 115 -0.10 -14.61 -1.67
N LEU A 116 0.46 -13.82 -0.76
CA LEU A 116 1.50 -12.86 -1.10
C LEU A 116 2.90 -13.38 -0.80
N PRO A 117 3.87 -13.09 -1.69
CA PRO A 117 5.27 -13.41 -1.44
C PRO A 117 5.82 -12.72 -0.19
N LEU A 118 6.91 -13.27 0.33
CA LEU A 118 7.61 -12.71 1.45
C LEU A 118 8.17 -11.33 1.07
N VAL A 119 8.86 -11.28 -0.06
CA VAL A 119 9.32 -10.02 -0.64
C VAL A 119 8.70 -9.77 -2.02
N ILE A 120 8.07 -8.60 -2.16
CA ILE A 120 7.38 -8.23 -3.39
C ILE A 120 8.12 -7.11 -4.10
N GLU A 121 8.45 -7.32 -5.36
CA GLU A 121 9.02 -6.25 -6.18
C GLU A 121 7.92 -5.25 -6.49
N PHE A 122 8.25 -3.97 -6.37
CA PHE A 122 7.35 -2.91 -6.80
C PHE A 122 7.44 -2.70 -8.31
N THR A 123 6.35 -2.98 -9.00
CA THR A 123 6.17 -2.66 -10.41
C THR A 123 4.73 -2.22 -10.59
N GLU A 124 4.37 -1.77 -11.79
CA GLU A 124 3.00 -1.40 -12.09
C GLU A 124 2.08 -2.62 -12.16
N GLN A 125 2.68 -3.81 -12.21
CA GLN A 125 1.93 -5.07 -12.07
C GLN A 125 1.54 -5.35 -10.62
N THR A 126 2.46 -5.07 -9.69
CA THR A 126 2.25 -5.36 -8.27
C THR A 126 1.67 -4.19 -7.47
N ALA A 127 1.72 -2.99 -8.06
CA ALA A 127 1.35 -1.76 -7.36
C ALA A 127 -0.09 -1.73 -6.82
N PRO A 128 -1.09 -2.17 -7.62
CA PRO A 128 -2.47 -2.13 -7.13
C PRO A 128 -2.70 -2.83 -5.78
N LYS A 129 -2.12 -4.00 -5.60
CA LYS A 129 -2.23 -4.77 -4.34
C LYS A 129 -1.56 -4.04 -3.18
N ILE A 130 -0.29 -3.67 -3.39
CA ILE A 130 0.52 -2.98 -2.39
C ILE A 130 -0.19 -1.73 -1.88
N PHE A 131 -0.94 -1.07 -2.75
CA PHE A 131 -1.68 0.13 -2.40
C PHE A 131 -3.07 -0.11 -1.86
N GLY A 132 -3.65 -1.27 -2.20
CA GLY A 132 -4.96 -1.66 -1.70
C GLY A 132 -4.85 -2.73 -0.62
N GLY A 133 -3.67 -2.82 -0.01
CA GLY A 133 -3.41 -3.85 0.99
C GLY A 133 -4.02 -3.59 2.34
N GLU A 134 -3.95 -4.61 3.20
CA GLU A 134 -4.48 -4.52 4.55
C GLU A 134 -3.36 -4.26 5.55
N ILE A 135 -2.18 -4.84 5.28
CA ILE A 135 -0.97 -4.54 6.05
C ILE A 135 -0.54 -3.11 5.77
N LYS A 136 -0.69 -2.26 6.77
CA LYS A 136 -0.50 -0.81 6.61
C LYS A 136 0.86 -0.29 7.10
N THR A 137 1.82 -1.20 7.24
CA THR A 137 3.20 -0.82 7.47
C THR A 137 4.06 -1.51 6.42
N HIS A 138 4.82 -0.72 5.67
CA HIS A 138 5.69 -1.23 4.62
C HIS A 138 7.14 -0.86 4.86
N ILE A 139 8.04 -1.77 4.49
CA ILE A 139 9.47 -1.45 4.40
C ILE A 139 9.93 -1.63 2.95
N LEU A 140 10.65 -0.62 2.45
CA LEU A 140 11.14 -0.59 1.08
C LEU A 140 12.64 -0.72 1.00
N LEU A 141 13.11 -1.80 0.38
CA LEU A 141 14.50 -1.91 0.01
C LEU A 141 14.69 -1.30 -1.38
N PHE A 142 15.35 -0.16 -1.42
CA PHE A 142 15.73 0.49 -2.67
C PHE A 142 16.95 -0.23 -3.20
N LEU A 143 16.73 -1.21 -4.07
CA LEU A 143 17.79 -2.05 -4.58
C LEU A 143 18.03 -1.80 -6.06
N PRO A 144 19.10 -1.06 -6.40
CA PRO A 144 19.45 -0.83 -7.79
C PRO A 144 19.78 -2.15 -8.48
N LYS A 145 19.43 -2.26 -9.76
CA LYS A 145 19.73 -3.48 -10.51
C LYS A 145 21.17 -3.55 -11.00
N SER A 146 21.83 -2.39 -11.09
CA SER A 146 23.24 -2.31 -11.47
C SER A 146 24.14 -2.81 -10.35
N VAL A 147 23.75 -2.54 -9.09
CA VAL A 147 24.56 -2.86 -7.92
C VAL A 147 24.83 -4.36 -7.78
N SER A 148 26.03 -4.69 -7.31
CA SER A 148 26.45 -6.08 -7.14
C SER A 148 26.04 -6.61 -5.77
N ASP A 149 25.97 -7.94 -5.66
CA ASP A 149 25.41 -8.63 -4.48
C ASP A 149 23.90 -8.37 -4.40
N TYR A 150 23.28 -8.18 -5.57
CA TYR A 150 21.84 -8.00 -5.69
C TYR A 150 21.12 -9.20 -5.06
N ASP A 151 21.50 -10.40 -5.50
CA ASP A 151 20.98 -11.64 -4.95
C ASP A 151 21.19 -11.70 -3.43
N GLY A 152 22.39 -11.33 -2.98
CA GLY A 152 22.76 -11.35 -1.57
C GLY A 152 21.93 -10.41 -0.71
N LYS A 153 21.82 -9.16 -1.12
CA LYS A 153 21.07 -8.14 -0.38
C LYS A 153 19.57 -8.43 -0.35
N LEU A 154 19.04 -8.96 -1.45
CA LEU A 154 17.65 -9.37 -1.50
C LEU A 154 17.40 -10.56 -0.56
N SER A 155 18.42 -11.42 -0.44
CA SER A 155 18.32 -12.57 0.45
C SER A 155 18.32 -12.15 1.93
N ASN A 156 19.09 -11.12 2.26
CA ASN A 156 19.09 -10.54 3.60
C ASN A 156 17.74 -9.94 3.95
N PHE A 157 17.17 -9.23 2.97
CA PHE A 157 15.86 -8.61 3.07
C PHE A 157 14.75 -9.67 3.27
N LYS A 158 14.80 -10.75 2.50
CA LYS A 158 13.82 -11.84 2.64
C LYS A 158 13.93 -12.54 4.00
N THR A 159 15.16 -12.79 4.46
CA THR A 159 15.42 -13.38 5.77
C THR A 159 14.80 -12.54 6.90
N ALA A 160 15.02 -11.23 6.84
CA ALA A 160 14.46 -10.30 7.83
C ALA A 160 12.93 -10.29 7.81
N ALA A 161 12.38 -10.38 6.60
CA ALA A 161 10.92 -10.40 6.35
C ALA A 161 10.16 -11.47 7.14
N GLU A 162 10.86 -12.56 7.45
CA GLU A 162 10.26 -13.72 8.12
C GLU A 162 9.81 -13.42 9.55
N SER A 163 10.41 -12.39 10.14
CA SER A 163 10.11 -12.00 11.51
C SER A 163 8.88 -11.08 11.64
N PHE A 164 8.27 -10.71 10.52
CA PHE A 164 7.18 -9.73 10.52
C PHE A 164 6.03 -10.09 9.58
N LYS A 165 5.79 -11.39 9.43
CA LYS A 165 4.83 -11.94 8.46
C LYS A 165 3.47 -11.24 8.36
N GLY A 166 2.83 -10.96 9.49
CA GLY A 166 1.54 -10.29 9.47
C GLY A 166 1.57 -8.82 9.86
N LYS A 167 2.78 -8.29 10.06
CA LYS A 167 2.95 -6.95 10.62
C LYS A 167 3.52 -5.95 9.61
N ILE A 168 4.60 -6.33 8.94
CA ILE A 168 5.25 -5.43 7.98
C ILE A 168 5.40 -6.10 6.62
N LEU A 169 4.92 -5.40 5.58
CA LEU A 169 5.06 -5.86 4.21
C LEU A 169 6.43 -5.48 3.66
N PHE A 170 7.17 -6.47 3.18
CA PHE A 170 8.52 -6.25 2.64
C PHE A 170 8.51 -6.07 1.12
N ILE A 171 8.84 -4.85 0.69
CA ILE A 171 8.83 -4.45 -0.70
C ILE A 171 10.22 -4.01 -1.15
N PHE A 172 10.62 -4.46 -2.34
CA PHE A 172 11.84 -3.94 -2.95
C PHE A 172 11.54 -3.29 -4.29
N ILE A 173 12.32 -2.25 -4.58
CA ILE A 173 12.07 -1.39 -5.73
C ILE A 173 13.40 -1.10 -6.44
N ASP A 174 13.34 -0.99 -7.77
CA ASP A 174 14.53 -0.70 -8.57
C ASP A 174 14.84 0.79 -8.61
N SER A 175 15.80 1.20 -7.77
CA SER A 175 16.26 2.58 -7.69
C SER A 175 16.80 3.16 -9.00
N ASP A 176 17.53 2.33 -9.75
CA ASP A 176 18.19 2.76 -10.99
C ASP A 176 17.22 3.35 -12.01
N HIS A 177 16.04 2.76 -12.08
CA HIS A 177 15.07 3.15 -13.09
C HIS A 177 14.46 4.52 -12.82
N THR A 178 14.31 5.30 -13.89
CA THR A 178 13.71 6.65 -13.81
C THR A 178 12.22 6.65 -13.50
N ASP A 179 11.53 5.54 -13.78
CA ASP A 179 10.11 5.43 -13.48
C ASP A 179 9.82 5.35 -11.98
N ASN A 180 10.84 5.00 -11.19
CA ASN A 180 10.71 4.93 -9.74
C ASN A 180 11.22 6.19 -9.02
N GLN A 181 11.48 7.25 -9.78
CA GLN A 181 12.12 8.44 -9.22
C GLN A 181 11.25 9.24 -8.25
N ARG A 182 9.95 9.31 -8.52
CA ARG A 182 9.06 10.05 -7.64
C ARG A 182 8.94 9.38 -6.26
N ILE A 183 9.00 8.05 -6.24
CA ILE A 183 9.02 7.30 -4.97
C ILE A 183 10.31 7.60 -4.21
N LEU A 184 11.44 7.55 -4.92
CA LEU A 184 12.72 8.02 -4.39
C LEU A 184 12.56 9.38 -3.71
N GLU A 185 12.08 10.37 -4.47
CA GLU A 185 11.87 11.74 -3.98
C GLU A 185 11.01 11.75 -2.73
N PHE A 186 9.91 10.99 -2.78
CA PHE A 186 8.97 10.92 -1.67
C PHE A 186 9.63 10.42 -0.40
N PHE A 187 10.67 9.62 -0.55
CA PHE A 187 11.46 9.14 0.59
C PHE A 187 12.74 9.95 0.80
N GLY A 188 12.89 11.02 0.03
CA GLY A 188 14.05 11.90 0.11
C GLY A 188 15.35 11.16 -0.13
N LEU A 189 15.40 10.38 -1.20
CA LEU A 189 16.58 9.59 -1.53
C LEU A 189 17.15 9.93 -2.90
N LYS A 190 18.48 9.81 -3.00
CA LYS A 190 19.16 9.87 -4.29
C LYS A 190 19.64 8.47 -4.66
N LYS A 191 19.80 8.24 -5.95
CA LYS A 191 20.31 6.96 -6.45
C LYS A 191 21.69 6.65 -5.89
N GLU A 192 22.40 7.71 -5.49
CA GLU A 192 23.72 7.61 -4.89
C GLU A 192 23.63 7.03 -3.48
N GLU A 193 22.60 7.44 -2.74
CA GLU A 193 22.36 6.98 -1.38
C GLU A 193 21.90 5.53 -1.33
N CYS A 194 21.17 5.11 -2.37
CA CYS A 194 20.77 3.72 -2.52
C CYS A 194 22.00 2.85 -2.81
N PRO A 195 21.97 1.57 -2.42
CA PRO A 195 20.89 0.81 -1.74
C PRO A 195 20.63 1.25 -0.31
N ALA A 196 19.35 1.35 0.04
CA ALA A 196 18.93 1.79 1.35
C ALA A 196 17.59 1.18 1.70
N VAL A 197 17.21 1.29 2.97
CA VAL A 197 15.95 0.79 3.41
C VAL A 197 15.19 1.91 4.13
N ARG A 198 13.91 2.03 3.81
CA ARG A 198 13.04 3.03 4.43
C ARG A 198 11.77 2.34 4.86
N LEU A 199 11.07 2.93 5.83
CA LEU A 199 9.80 2.37 6.26
C LEU A 199 8.69 3.41 6.41
N ILE A 200 7.47 3.02 6.06
CA ILE A 200 6.30 3.90 6.08
C ILE A 200 5.10 3.24 6.75
N THR A 201 4.41 4.01 7.57
CA THR A 201 3.11 3.60 8.08
C THR A 201 2.06 4.33 7.29
N LEU A 202 0.96 3.65 6.99
CA LEU A 202 -0.11 4.26 6.21
C LEU A 202 -1.29 4.65 7.10
N GLU A 203 -1.10 4.49 8.42
CA GLU A 203 -2.03 4.98 9.44
C GLU A 203 -1.32 5.12 10.78
N MET A 206 1.25 7.97 10.34
CA MET A 206 1.35 8.09 8.89
C MET A 206 2.66 8.77 8.52
N THR A 207 3.76 8.07 8.76
CA THR A 207 5.09 8.66 8.76
C THR A 207 6.11 7.78 8.07
N LYS A 208 7.25 8.36 7.73
CA LYS A 208 8.36 7.63 7.14
C LYS A 208 9.51 7.56 8.15
N TYR A 209 10.34 6.52 8.05
CA TYR A 209 11.47 6.30 8.97
C TYR A 209 12.70 5.78 8.23
N LYS A 210 13.88 6.22 8.67
CA LYS A 210 15.12 5.70 8.13
C LYS A 210 15.93 4.97 9.21
N PRO A 211 16.75 3.98 8.81
CA PRO A 211 17.56 3.22 9.76
C PRO A 211 18.75 4.01 10.30
N GLU A 212 19.25 3.59 11.46
CA GLU A 212 20.39 4.21 12.11
C GLU A 212 21.69 3.83 11.42
N SER A 213 21.74 2.61 10.89
CA SER A 213 22.90 2.10 10.17
C SER A 213 22.57 2.00 8.68
N GLU A 214 23.59 2.14 7.85
CA GLU A 214 23.43 2.00 6.41
C GLU A 214 23.63 0.56 5.93
N GLU A 215 24.07 -0.31 6.85
CA GLU A 215 24.28 -1.72 6.54
C GLU A 215 22.97 -2.46 6.26
N LEU A 216 23.05 -3.45 5.37
CA LEU A 216 21.86 -4.15 4.88
C LEU A 216 21.93 -5.65 5.14
N THR A 217 22.37 -6.01 6.34
CA THR A 217 22.36 -7.41 6.79
C THR A 217 20.97 -7.75 7.30
N ALA A 218 20.64 -9.04 7.32
CA ALA A 218 19.37 -9.49 7.88
C ALA A 218 19.19 -8.94 9.30
N GLU A 219 20.26 -8.97 10.09
CA GLU A 219 20.25 -8.50 11.48
C GLU A 219 20.02 -7.00 11.60
N ARG A 220 20.61 -6.21 10.68
CA ARG A 220 20.45 -4.76 10.71
C ARG A 220 19.04 -4.31 10.35
N ILE A 221 18.45 -4.96 9.33
CA ILE A 221 17.09 -4.68 8.89
C ILE A 221 16.07 -5.12 9.95
N THR A 222 16.35 -6.27 10.56
CA THR A 222 15.53 -6.80 11.66
C THR A 222 15.52 -5.86 12.87
N GLU A 223 16.69 -5.35 13.24
CA GLU A 223 16.84 -4.38 14.34
C GLU A 223 16.05 -3.11 14.05
N PHE A 224 16.22 -2.58 12.83
CA PHE A 224 15.52 -1.39 12.39
C PHE A 224 14.01 -1.55 12.58
N CYS A 225 13.46 -2.66 12.09
CA CYS A 225 12.02 -2.94 12.20
C CYS A 225 11.55 -3.08 13.64
N HIS A 226 12.34 -3.80 14.45
CA HIS A 226 12.02 -4.00 15.86
C HIS A 226 12.05 -2.70 16.66
N ARG A 227 12.96 -1.81 16.29
CA ARG A 227 13.06 -0.49 16.92
C ARG A 227 11.89 0.41 16.56
N PHE A 228 11.47 0.36 15.29
CA PHE A 228 10.31 1.10 14.83
C PHE A 228 9.06 0.72 15.62
N LEU A 229 8.83 -0.59 15.74
CA LEU A 229 7.67 -1.12 16.45
C LEU A 229 7.64 -0.72 17.92
N GLU A 230 8.82 -0.44 18.48
CA GLU A 230 8.94 0.01 19.86
C GLU A 230 8.92 1.55 19.96
N GLY A 231 8.65 2.21 18.84
CA GLY A 231 8.60 3.67 18.76
C GLY A 231 9.93 4.31 19.15
N LYS A 232 11.02 3.61 18.83
CA LYS A 232 12.36 4.04 19.22
C LYS A 232 13.01 4.89 18.14
N ILE A 233 12.38 4.95 16.97
CA ILE A 233 12.89 5.74 15.87
C ILE A 233 11.98 6.94 15.63
N LYS A 234 12.59 8.11 15.57
CA LYS A 234 11.86 9.35 15.36
C LYS A 234 11.41 9.50 13.90
N PRO A 235 10.19 10.04 13.69
CA PRO A 235 9.64 10.34 12.40
C PRO A 235 10.63 11.10 11.54
N HIS A 236 10.81 10.61 10.32
CA HIS A 236 11.74 11.20 9.39
C HIS A 236 11.11 12.39 8.66
N LEU A 237 11.88 13.47 8.53
CA LEU A 237 11.42 14.68 7.87
C LEU A 237 12.27 15.04 6.65
N MET A 238 11.71 15.88 5.78
CA MET A 238 12.39 16.33 4.57
C MET A 238 11.84 17.68 4.12
N SER A 239 12.69 18.45 3.47
CA SER A 239 12.32 19.77 3.00
C SER A 239 12.96 20.12 1.66
N GLN A 240 12.19 20.80 0.83
CA GLN A 240 12.70 21.50 -0.33
C GLN A 240 13.37 22.79 0.14
N GLU A 241 14.32 23.30 -0.64
CA GLU A 241 14.87 24.62 -0.40
C GLU A 241 13.80 25.67 -0.63
N LEU A 242 13.71 26.63 0.28
CA LEU A 242 12.74 27.72 0.17
C LEU A 242 13.16 28.68 -0.94
N PRO A 243 12.30 28.83 -1.98
CA PRO A 243 12.63 29.79 -3.03
C PRO A 243 12.50 31.22 -2.52
N GLU A 244 13.31 32.13 -3.06
CA GLU A 244 13.33 33.52 -2.60
C GLU A 244 12.03 34.26 -2.93
N ASP A 245 11.27 33.72 -3.89
CA ASP A 245 10.01 34.33 -4.32
C ASP A 245 8.80 33.66 -3.69
N TRP A 246 9.03 32.84 -2.67
CA TRP A 246 7.98 32.09 -1.97
C TRP A 246 6.77 32.96 -1.60
N ASP A 247 7.00 34.25 -1.35
CA ASP A 247 5.92 35.16 -0.97
C ASP A 247 5.62 36.28 -1.98
N LYS A 248 6.07 36.12 -3.22
CA LYS A 248 5.83 37.14 -4.25
C LYS A 248 4.38 37.09 -4.76
N GLN A 249 3.81 35.90 -4.83
CA GLN A 249 2.45 35.69 -5.29
C GLN A 249 1.43 35.73 -4.13
N PRO A 250 0.17 36.07 -4.43
CA PRO A 250 -0.92 36.03 -3.44
C PRO A 250 -1.00 34.70 -2.67
N VAL A 251 -0.69 33.59 -3.33
CA VAL A 251 -0.57 32.29 -2.67
C VAL A 251 0.90 32.06 -2.29
N LYS A 252 1.14 31.88 -0.99
CA LYS A 252 2.49 31.68 -0.47
C LYS A 252 2.94 30.23 -0.61
N VAL A 253 4.20 30.05 -1.01
CA VAL A 253 4.80 28.73 -1.16
C VAL A 253 5.48 28.30 0.14
N LEU A 254 5.04 27.18 0.70
CA LEU A 254 5.68 26.64 1.89
C LEU A 254 6.50 25.39 1.56
N VAL A 255 7.64 25.28 2.22
CA VAL A 255 8.45 24.08 2.19
C VAL A 255 8.57 23.64 3.65
N GLY A 256 9.19 22.48 3.88
CA GLY A 256 9.38 21.97 5.24
C GLY A 256 10.06 22.94 6.20
N LYS A 257 11.11 23.62 5.71
CA LYS A 257 11.94 24.55 6.51
C LYS A 257 11.21 25.74 7.12
N ASN A 258 10.29 26.35 6.38
CA ASN A 258 9.60 27.56 6.83
C ASN A 258 8.14 27.31 7.23
N PHE A 259 7.72 26.04 7.12
CA PHE A 259 6.34 25.68 7.40
C PHE A 259 5.82 26.19 8.75
N GLU A 260 6.57 25.91 9.82
CA GLU A 260 6.14 26.27 11.17
C GLU A 260 6.04 27.78 11.35
N ASP A 261 7.03 28.51 10.83
CA ASP A 261 7.08 29.97 10.89
C ASP A 261 5.80 30.64 10.44
N VAL A 262 5.34 30.29 9.24
CA VAL A 262 4.15 30.93 8.70
C VAL A 262 2.85 30.26 9.16
N ALA A 263 2.87 28.92 9.24
CA ALA A 263 1.66 28.17 9.56
C ALA A 263 1.18 28.43 10.98
N PHE A 264 2.08 28.33 11.95
CA PHE A 264 1.74 28.53 13.34
C PHE A 264 2.10 29.94 13.84
N ASP A 265 2.01 30.91 12.93
CA ASP A 265 2.10 32.32 13.28
C ASP A 265 0.85 32.64 14.11
N GLU A 266 1.06 33.00 15.37
CA GLU A 266 -0.02 33.25 16.32
C GLU A 266 -0.92 34.39 15.89
N LYS A 267 -0.37 35.33 15.14
CA LYS A 267 -1.08 36.52 14.72
C LYS A 267 -1.60 36.42 13.30
N LYS A 268 -1.73 35.20 12.79
CA LYS A 268 -2.14 35.00 11.41
C LYS A 268 -3.08 33.80 11.23
N ASN A 269 -4.14 34.00 10.45
CA ASN A 269 -5.07 32.94 10.08
C ASN A 269 -4.61 32.31 8.76
N VAL A 270 -3.97 31.14 8.85
CA VAL A 270 -3.30 30.53 7.70
C VAL A 270 -4.04 29.32 7.11
N PHE A 271 -4.31 29.40 5.80
CA PHE A 271 -5.02 28.33 5.07
C PHE A 271 -4.08 27.68 4.06
N VAL A 272 -3.76 26.41 4.30
CA VAL A 272 -2.72 25.73 3.54
C VAL A 272 -3.27 24.61 2.67
N GLU A 273 -2.86 24.61 1.40
CA GLU A 273 -3.12 23.48 0.51
C GLU A 273 -1.91 22.57 0.46
N PHE A 274 -2.12 21.32 0.86
CA PHE A 274 -1.11 20.30 0.78
C PHE A 274 -1.42 19.49 -0.47
N TYR A 275 -0.50 19.51 -1.43
CA TYR A 275 -0.82 18.98 -2.74
C TYR A 275 0.24 18.09 -3.35
N ALA A 276 -0.13 17.38 -4.41
CA ALA A 276 0.81 16.64 -5.23
C ALA A 276 0.80 17.27 -6.63
N PRO A 277 2.00 17.59 -7.16
CA PRO A 277 2.13 18.26 -8.46
C PRO A 277 1.57 17.49 -9.66
N TRP A 278 1.69 16.16 -9.62
CA TRP A 278 1.25 15.28 -10.70
CA TRP A 278 1.25 15.29 -10.72
C TRP A 278 -0.24 14.93 -10.59
N CYS A 279 -0.86 15.30 -9.47
CA CYS A 279 -2.27 14.96 -9.20
C CYS A 279 -3.26 15.81 -9.99
N GLY A 280 -4.12 15.13 -10.75
CA GLY A 280 -5.17 15.78 -11.54
C GLY A 280 -6.11 16.64 -10.72
N HIS A 281 -6.46 16.17 -9.51
CA HIS A 281 -7.38 16.92 -8.63
C HIS A 281 -6.73 18.17 -8.08
N CYS A 282 -5.43 18.09 -7.82
CA CYS A 282 -4.68 19.26 -7.37
C CYS A 282 -4.60 20.28 -8.50
N LYS A 283 -4.46 19.78 -9.73
CA LYS A 283 -4.41 20.63 -10.92
C LYS A 283 -5.74 21.34 -11.13
N GLN A 284 -6.83 20.61 -10.90
CA GLN A 284 -8.19 21.14 -10.99
C GLN A 284 -8.45 22.25 -9.96
N LEU A 285 -7.94 22.06 -8.74
CA LEU A 285 -8.15 23.03 -7.67
C LEU A 285 -7.30 24.30 -7.84
N ALA A 286 -6.14 24.15 -8.47
CA ALA A 286 -5.12 25.20 -8.57
C ALA A 286 -5.63 26.59 -9.01
N PRO A 287 -6.45 26.68 -10.07
CA PRO A 287 -6.94 28.02 -10.45
C PRO A 287 -7.94 28.61 -9.47
N ILE A 288 -8.64 27.76 -8.74
CA ILE A 288 -9.57 28.19 -7.69
C ILE A 288 -8.75 28.67 -6.49
N TRP A 289 -7.72 27.90 -6.15
CA TRP A 289 -6.85 28.27 -5.03
C TRP A 289 -6.12 29.60 -5.27
N ASP A 290 -5.75 29.85 -6.53
CA ASP A 290 -5.15 31.13 -6.91
C ASP A 290 -6.13 32.30 -6.81
N LYS A 291 -7.40 32.03 -7.11
CA LYS A 291 -8.47 33.04 -7.01
C LYS A 291 -8.72 33.42 -5.56
N LEU A 292 -8.63 32.43 -4.67
CA LEU A 292 -8.73 32.65 -3.23
C LEU A 292 -7.57 33.48 -2.70
N GLY A 293 -6.36 33.16 -3.17
CA GLY A 293 -5.16 33.93 -2.84
C GLY A 293 -5.33 35.38 -3.26
N GLU A 294 -5.88 35.57 -4.45
CA GLU A 294 -6.12 36.90 -5.03
C GLU A 294 -7.14 37.72 -4.23
N THR A 295 -8.20 37.05 -3.76
CA THR A 295 -9.21 37.72 -2.94
C THR A 295 -8.63 38.24 -1.62
N TYR A 296 -7.68 37.49 -1.06
CA TYR A 296 -7.08 37.84 0.23
C TYR A 296 -5.61 38.25 0.11
N LYS A 297 -5.28 38.94 -0.99
CA LYS A 297 -3.90 39.41 -1.20
C LYS A 297 -3.48 40.53 -0.25
N ASP A 298 -4.40 41.45 0.05
CA ASP A 298 -4.09 42.61 0.87
C ASP A 298 -4.85 42.59 2.20
N HIS A 299 -5.11 41.39 2.69
CA HIS A 299 -5.79 41.21 3.96
C HIS A 299 -4.83 41.41 5.13
N GLU A 300 -5.39 41.82 6.27
CA GLU A 300 -4.63 42.16 7.46
C GLU A 300 -4.09 40.96 8.24
N ASN A 301 -4.77 39.81 8.11
CA ASN A 301 -4.39 38.62 8.90
C ASN A 301 -4.61 37.24 8.27
N ILE A 302 -5.28 37.19 7.11
CA ILE A 302 -5.48 35.91 6.42
C ILE A 302 -4.32 35.63 5.46
N VAL A 303 -3.72 34.46 5.59
CA VAL A 303 -2.67 34.04 4.67
C VAL A 303 -3.09 32.76 3.95
N ILE A 304 -3.03 32.82 2.62
CA ILE A 304 -3.29 31.66 1.77
C ILE A 304 -1.95 31.09 1.31
N ALA A 305 -1.79 29.78 1.50
CA ALA A 305 -0.51 29.13 1.23
C ALA A 305 -0.67 27.72 0.68
N LYS A 306 0.41 27.17 0.16
CA LYS A 306 0.44 25.79 -0.28
C LYS A 306 1.82 25.18 -0.05
N MET A 307 1.84 23.85 -0.06
CA MET A 307 3.06 23.08 0.13
C MET A 307 2.97 21.78 -0.67
N ASP A 308 4.00 21.50 -1.44
CA ASP A 308 4.13 20.22 -2.13
C ASP A 308 4.41 19.12 -1.10
N SER A 309 3.40 18.31 -0.84
CA SER A 309 3.49 17.26 0.18
C SER A 309 4.17 15.95 -0.28
N THR A 310 4.55 15.88 -1.55
CA THR A 310 5.38 14.76 -2.03
C THR A 310 6.87 15.04 -1.82
N ALA A 311 7.21 16.30 -1.55
CA ALA A 311 8.60 16.75 -1.45
C ALA A 311 8.89 17.42 -0.11
N ASN A 312 7.87 17.49 0.74
CA ASN A 312 8.01 18.04 2.08
C ASN A 312 7.27 17.23 3.12
N GLU A 313 7.98 16.92 4.20
CA GLU A 313 7.44 16.18 5.32
C GLU A 313 7.68 16.96 6.58
N VAL A 314 6.62 17.49 7.16
CA VAL A 314 6.68 18.17 8.43
C VAL A 314 6.06 17.27 9.47
N GLU A 315 6.23 17.61 10.74
CA GLU A 315 5.75 16.75 11.80
C GLU A 315 4.36 17.12 12.33
N ALA A 316 4.01 18.39 12.23
CA ALA A 316 2.74 18.89 12.75
C ALA A 316 1.53 18.30 12.01
N VAL A 317 1.68 18.10 10.71
CA VAL A 317 0.59 17.54 9.92
C VAL A 317 1.06 16.39 9.02
N LYS A 318 0.19 15.40 8.85
CA LYS A 318 0.46 14.27 7.97
C LYS A 318 -0.57 14.19 6.86
N VAL A 319 -0.09 14.00 5.63
CA VAL A 319 -0.94 14.04 4.44
C VAL A 319 -0.63 12.89 3.49
N HIS A 320 -1.62 12.01 3.32
CA HIS A 320 -1.56 10.85 2.44
CA HIS A 320 -1.50 10.91 2.38
C HIS A 320 -2.56 11.00 1.29
N SER A 321 -3.37 12.05 1.35
CA SER A 321 -4.44 12.31 0.40
C SER A 321 -4.22 13.70 -0.22
N PHE A 322 -4.35 13.79 -1.55
CA PHE A 322 -4.06 15.04 -2.26
C PHE A 322 -5.24 15.44 -3.16
N PRO A 323 -5.71 16.69 -3.03
CA PRO A 323 -5.25 17.72 -2.10
C PRO A 323 -5.87 17.60 -0.71
N THR A 324 -5.16 18.12 0.29
CA THR A 324 -5.68 18.26 1.65
C THR A 324 -5.61 19.73 2.03
N LEU A 325 -6.67 20.23 2.64
CA LEU A 325 -6.76 21.62 3.02
C LEU A 325 -6.91 21.74 4.52
N LYS A 326 -6.09 22.59 5.13
CA LYS A 326 -6.08 22.76 6.57
C LYS A 326 -5.96 24.22 6.99
N PHE A 327 -6.69 24.57 8.05
CA PHE A 327 -6.73 25.93 8.55
C PHE A 327 -6.01 26.07 9.88
N PHE A 328 -5.17 27.09 9.96
CA PHE A 328 -4.36 27.34 11.15
C PHE A 328 -4.74 28.70 11.73
N PRO A 329 -5.80 28.74 12.56
CA PRO A 329 -6.31 30.00 13.12
C PRO A 329 -5.25 30.76 13.90
N ALA A 330 -5.41 32.07 13.96
CA ALA A 330 -4.52 32.93 14.74
C ALA A 330 -4.72 32.70 16.24
N SER A 331 -3.80 31.97 16.86
CA SER A 331 -3.84 31.69 18.30
C SER A 331 -2.52 31.10 18.81
N ALA A 332 -2.40 31.01 20.13
CA ALA A 332 -1.27 30.39 20.78
C ALA A 332 -1.41 28.86 20.88
N ASP A 333 -2.65 28.38 20.72
CA ASP A 333 -3.00 26.96 20.86
C ASP A 333 -2.42 26.03 19.79
N ARG A 334 -2.01 26.62 18.66
CA ARG A 334 -1.48 25.85 17.54
C ARG A 334 -2.47 24.80 17.05
N THR A 335 -3.72 25.22 16.89
CA THR A 335 -4.78 24.32 16.45
C THR A 335 -4.78 24.18 14.94
N VAL A 336 -5.11 22.96 14.49
CA VAL A 336 -5.33 22.69 13.09
C VAL A 336 -6.81 22.31 12.89
N ILE A 337 -7.49 23.07 12.04
CA ILE A 337 -8.86 22.75 11.66
C ILE A 337 -8.88 22.13 10.27
N ASP A 338 -9.43 20.92 10.18
CA ASP A 338 -9.59 20.22 8.90
C ASP A 338 -10.68 20.89 8.08
N TYR A 339 -10.42 21.05 6.79
CA TYR A 339 -11.43 21.57 5.88
C TYR A 339 -11.99 20.47 4.99
N ASN A 340 -13.31 20.31 5.01
CA ASN A 340 -13.99 19.33 4.16
C ASN A 340 -15.19 19.90 3.42
N GLY A 341 -15.27 21.23 3.35
CA GLY A 341 -16.34 21.90 2.61
C GLY A 341 -16.14 21.76 1.11
N GLU A 342 -17.00 22.43 0.35
CA GLU A 342 -16.89 22.47 -1.11
C GLU A 342 -15.57 23.13 -1.52
N ARG A 343 -14.87 22.51 -2.46
CA ARG A 343 -13.61 23.05 -2.98
C ARG A 343 -13.90 24.20 -3.95
N THR A 344 -14.65 25.18 -3.47
CA THR A 344 -15.17 26.26 -4.29
C THR A 344 -14.60 27.58 -3.78
N LEU A 345 -14.54 28.58 -4.66
CA LEU A 345 -14.15 29.92 -4.27
C LEU A 345 -15.07 30.45 -3.17
N ASP A 346 -16.36 30.14 -3.28
CA ASP A 346 -17.38 30.56 -2.32
C ASP A 346 -17.31 29.81 -0.99
N GLY A 347 -17.09 28.50 -1.07
CA GLY A 347 -16.96 27.64 0.10
C GLY A 347 -15.76 28.00 0.96
N PHE A 348 -14.68 28.42 0.30
CA PHE A 348 -13.45 28.84 0.98
C PHE A 348 -13.65 30.17 1.71
N LYS A 349 -14.31 31.11 1.02
CA LYS A 349 -14.63 32.43 1.56
C LYS A 349 -15.50 32.37 2.82
N LYS A 350 -16.58 31.60 2.75
CA LYS A 350 -17.52 31.47 3.87
C LYS A 350 -16.84 30.81 5.07
N PHE A 351 -15.98 29.83 4.78
CA PHE A 351 -15.15 29.19 5.79
C PHE A 351 -14.19 30.20 6.41
N LEU A 352 -13.47 30.95 5.58
CA LEU A 352 -12.51 31.94 6.06
C LEU A 352 -13.14 33.06 6.91
N GLU A 353 -14.28 33.57 6.48
CA GLU A 353 -14.99 34.61 7.23
C GLU A 353 -15.76 34.09 8.45
N SER A 354 -15.82 32.76 8.60
CA SER A 354 -16.41 32.14 9.78
C SER A 354 -15.36 32.01 10.90
N GLY A 355 -14.13 32.38 10.58
CA GLY A 355 -12.99 32.08 11.44
C GLY A 355 -12.71 30.59 11.42
N GLY A 356 -13.07 29.95 10.30
CA GLY A 356 -13.00 28.50 10.15
C GLY A 356 -13.95 27.75 11.07
N GLN A 357 -15.19 28.25 11.18
CA GLN A 357 -16.18 27.67 12.08
C GLN A 357 -16.84 26.40 11.55
N ASP A 358 -17.35 26.46 10.32
CA ASP A 358 -18.16 25.37 9.77
C ASP A 358 -17.88 25.05 8.30
N GLY A 359 -18.25 23.84 7.90
CA GLY A 359 -17.94 23.33 6.57
C GLY A 359 -17.09 22.08 6.70
N ALA A 360 -17.75 20.92 6.69
CA ALA A 360 -17.08 19.63 6.83
C ALA A 360 -17.53 18.65 5.76
S1 D1D B . 5.24 4.90 -1.55
C1 D1D B . 3.99 4.19 -0.55
C2 D1D B . 4.41 2.77 -0.18
O2 D1D B . 3.42 2.26 0.71
C3 D1D B . 4.52 1.82 -1.36
O3 D1D B . 4.96 0.56 -0.83
C4 D1D B . 5.51 2.25 -2.44
S4 D1D B . 5.00 3.76 -3.17
#